data_4X4K
#
_entry.id   4X4K
#
_cell.length_a   69.400
_cell.length_b   113.100
_cell.length_c   79.600
_cell.angle_alpha   90.00
_cell.angle_beta   109.00
_cell.angle_gamma   90.00
#
_symmetry.space_group_name_H-M   'C 1 2 1'
#
loop_
_entity.id
_entity.type
_entity.pdbx_description
1 polymer Laccase
2 branched beta-D-mannopyranose-(1-4)-2-acetamido-2-deoxy-beta-D-glucopyranose-(1-4)-2-acetamido-2-deoxy-beta-D-glucopyranose
3 branched alpha-D-mannopyranose-(1-2)-alpha-D-mannopyranose-(1-6)-alpha-D-mannopyranose-(1-6)-beta-D-mannopyranose-(1-4)-2-acetamido-2-deoxy-beta-D-glucopyranose-(1-4)-2-acetamido-2-deoxy-beta-D-glucopyranose
4 non-polymer 'COPPER (II) ION'
5 non-polymer 2-acetamido-2-deoxy-beta-D-glucopyranose
6 non-polymer alpha-D-mannopyranose
7 non-polymer 'SULFATE ION'
8 water water
#
_entity_poly.entity_id   1
_entity_poly.type   'polypeptide(L)'
_entity_poly.pdbx_seq_one_letter_code
;MKYFTVFTALTALFAQASASAIPAVRSTLTPRQNTTASCANSATSRSCWGEYSIDTNWYDVTPTGVTREYWLSVENSTIT
PDGYTRSAMTFNGTVPGPAIIADWGDNLIIHVTNNLEHNGTSIHWHGIRQLGSLEYDGVPGVTQCPIAPGDTLTYKFQVT
QYGTTWYHSHFSLQYGDGLFGPLIINGPATADYDEDVGVIFLQDWAHESVFEIWDTARLGAPPALENTLMNGTNTFDCSA
STDPNCVGGGKKFELTFVEGTKYRLRLINVGIDSHFEFAIDNHTLTVIANDLVPIVPYTTDTLLIGIGQRYDVIVEANAA
ADNYWIRGNWGTTCSTNNEAANATGILRYDSSSIANPTSVGTTPRGTCEDEPVASLVPHLALDVGGYSLVDEQVSSAFTN
YFTWTINSSSLLLDWSSPTTLKIFNNETIFPTEYNVVALEQTNANEEWVVYVIEDLTGFGIWHPIHLHGHDFFIVAQETD
VFNSDESPAKFNLVNPPRRDVAALPGNGYLAIAFKLDNPGSWLLHCHIAWHASEGLAMQFVESQSSIAVKMTDTAIFEDT
CANWNAYTPTQLFAEDDSGI
;
_entity_poly.pdbx_strand_id   A
#
loop_
_chem_comp.id
_chem_comp.type
_chem_comp.name
_chem_comp.formula
BMA D-saccharide, beta linking beta-D-mannopyranose 'C6 H12 O6'
CU non-polymer 'COPPER (II) ION' 'Cu 2'
MAN D-saccharide, alpha linking alpha-D-mannopyranose 'C6 H12 O6'
NAG D-saccharide, beta linking 2-acetamido-2-deoxy-beta-D-glucopyranose 'C8 H15 N O6'
SO4 non-polymer 'SULFATE ION' 'O4 S -2'
#
# COMPACT_ATOMS: atom_id res chain seq x y z
N TYR A 52 16.73 -16.67 -16.79
CA TYR A 52 15.63 -15.80 -16.27
C TYR A 52 15.91 -14.34 -16.58
N SER A 53 14.89 -13.62 -17.04
CA SER A 53 15.05 -12.31 -17.65
C SER A 53 13.80 -11.45 -17.42
N ILE A 54 13.79 -10.28 -18.04
CA ILE A 54 12.63 -9.39 -18.07
C ILE A 54 11.44 -9.94 -18.83
N ASP A 55 11.68 -10.89 -19.74
CA ASP A 55 10.61 -11.51 -20.55
C ASP A 55 10.07 -12.83 -19.89
N THR A 56 10.69 -13.25 -18.79
CA THR A 56 10.27 -14.41 -18.00
C THR A 56 8.90 -14.18 -17.39
N ASN A 57 8.00 -15.15 -17.51
CA ASN A 57 6.69 -15.05 -16.89
C ASN A 57 6.77 -15.42 -15.40
N TRP A 58 6.95 -14.40 -14.54
CA TRP A 58 7.13 -14.61 -13.09
C TRP A 58 5.89 -15.10 -12.34
N TYR A 59 4.72 -15.06 -12.99
CA TYR A 59 3.51 -15.70 -12.48
C TYR A 59 3.56 -17.21 -12.67
N ASP A 60 4.37 -17.67 -13.63
CA ASP A 60 4.45 -19.11 -13.97
C ASP A 60 5.76 -19.72 -13.54
N VAL A 61 6.86 -19.03 -13.84
CA VAL A 61 8.21 -19.50 -13.49
C VAL A 61 8.77 -18.72 -12.29
N THR A 62 9.52 -19.41 -11.43
CA THR A 62 10.23 -18.76 -10.31
C THR A 62 11.66 -19.26 -10.16
N PRO A 63 12.65 -18.35 -10.15
CA PRO A 63 14.05 -18.76 -9.89
C PRO A 63 14.21 -19.45 -8.54
N THR A 64 15.20 -20.33 -8.47
CA THR A 64 15.65 -20.85 -7.18
C THR A 64 16.41 -19.72 -6.51
N GLY A 65 16.17 -19.50 -5.22
CA GLY A 65 16.95 -18.51 -4.50
C GLY A 65 17.47 -19.11 -3.22
N VAL A 66 17.72 -18.26 -2.25
CA VAL A 66 18.19 -18.70 -0.95
C VAL A 66 17.22 -18.26 0.16
N THR A 67 17.43 -18.82 1.35
CA THR A 67 16.58 -18.49 2.47
C THR A 67 17.07 -17.22 3.15
N ARG A 68 16.17 -16.30 3.39
CA ARG A 68 16.57 -15.06 4.01
C ARG A 68 15.71 -14.77 5.21
N GLU A 69 16.39 -14.54 6.34
CA GLU A 69 15.80 -14.50 7.65
C GLU A 69 15.93 -13.11 8.27
N TYR A 70 14.84 -12.66 8.90
CA TYR A 70 14.75 -11.34 9.49
C TYR A 70 13.97 -11.48 10.79
N TRP A 71 14.39 -10.74 11.82
CA TRP A 71 13.60 -10.59 13.04
C TRP A 71 13.19 -9.15 13.03
N LEU A 72 11.90 -8.90 13.28
CA LEU A 72 11.38 -7.55 13.38
C LEU A 72 10.64 -7.43 14.68
N SER A 73 10.84 -6.29 15.32
CA SER A 73 10.16 -6.03 16.55
C SER A 73 9.20 -4.91 16.31
N VAL A 74 7.92 -5.16 16.57
CA VAL A 74 6.91 -4.13 16.47
C VAL A 74 6.92 -3.40 17.80
N GLU A 75 7.26 -2.11 17.74
CA GLU A 75 7.64 -1.35 18.93
C GLU A 75 6.87 -0.06 19.13
N ASN A 76 6.81 0.34 20.40
CA ASN A 76 6.22 1.60 20.80
C ASN A 76 7.39 2.55 20.98
N SER A 77 7.40 3.65 20.23
CA SER A 77 8.62 4.39 20.02
C SER A 77 8.39 5.84 20.21
N THR A 78 9.50 6.57 20.24
CA THR A 78 9.46 8.00 20.23
C THR A 78 10.42 8.45 19.13
N ILE A 79 9.92 9.27 18.22
CA ILE A 79 10.80 9.75 17.15
C ILE A 79 10.60 11.24 16.92
N THR A 80 11.49 11.83 16.14
CA THR A 80 11.47 13.23 15.85
C THR A 80 11.87 13.35 14.39
N PRO A 81 10.94 13.03 13.46
CA PRO A 81 11.30 12.94 12.04
C PRO A 81 11.38 14.28 11.31
N ASP A 82 10.67 15.25 11.87
CA ASP A 82 10.52 16.56 11.25
C ASP A 82 10.66 17.65 12.34
N GLY A 83 11.37 17.36 13.41
CA GLY A 83 11.55 18.35 14.47
C GLY A 83 10.42 18.40 15.47
N TYR A 84 9.49 17.45 15.35
CA TYR A 84 8.40 17.36 16.30
C TYR A 84 8.41 15.98 16.89
N THR A 85 8.49 15.93 18.21
CA THR A 85 8.67 14.67 18.91
C THR A 85 7.31 14.10 19.30
N ARG A 86 7.13 12.82 19.00
CA ARG A 86 5.85 12.14 19.16
C ARG A 86 6.05 10.64 19.26
N SER A 87 5.00 9.99 19.75
CA SER A 87 4.99 8.56 19.81
C SER A 87 4.92 8.05 18.38
N ALA A 88 5.33 6.80 18.18
CA ALA A 88 5.18 6.12 16.89
C ALA A 88 5.05 4.65 17.16
N MET A 89 4.55 3.89 16.18
CA MET A 89 4.57 2.44 16.25
C MET A 89 5.44 2.01 15.10
N THR A 90 6.55 1.34 15.43
CA THR A 90 7.62 1.16 14.45
C THR A 90 8.05 -0.29 14.36
N PHE A 91 8.70 -0.63 13.26
CA PHE A 91 9.53 -1.79 13.26
C PHE A 91 10.89 -1.27 13.71
N ASN A 92 11.37 -1.80 14.82
CA ASN A 92 12.76 -1.62 15.17
C ASN A 92 13.18 -0.15 15.39
N GLY A 93 12.25 0.62 15.92
CA GLY A 93 12.51 1.99 16.33
C GLY A 93 12.82 3.04 15.27
N THR A 94 12.62 2.70 13.99
CA THR A 94 12.81 3.68 12.92
C THR A 94 11.57 3.85 12.05
N VAL A 95 11.31 5.09 11.63
CA VAL A 95 10.30 5.32 10.58
C VAL A 95 11.05 5.89 9.37
N PRO A 96 11.09 5.16 8.25
CA PRO A 96 10.52 3.86 7.90
C PRO A 96 11.20 2.70 8.65
N GLY A 97 10.54 1.54 8.72
CA GLY A 97 11.15 0.33 9.23
C GLY A 97 12.40 -0.10 8.46
N PRO A 98 13.06 -1.19 8.91
CA PRO A 98 14.27 -1.68 8.25
C PRO A 98 13.94 -2.25 6.88
N ALA A 99 14.89 -2.06 5.95
CA ALA A 99 14.76 -2.61 4.61
C ALA A 99 14.78 -4.12 4.64
N ILE A 100 13.76 -4.73 4.05
CA ILE A 100 13.83 -6.13 3.71
C ILE A 100 14.20 -6.21 2.25
N ILE A 101 15.41 -6.69 1.99
CA ILE A 101 15.90 -6.75 0.65
C ILE A 101 16.18 -8.23 0.33
N ALA A 102 15.67 -8.70 -0.81
CA ALA A 102 15.90 -10.07 -1.20
C ALA A 102 16.01 -10.15 -2.69
N ASP A 103 16.26 -11.36 -3.19
CA ASP A 103 16.22 -11.58 -4.63
C ASP A 103 14.97 -12.34 -5.03
N TRP A 104 14.53 -12.02 -6.22
CA TRP A 104 13.54 -12.79 -6.93
C TRP A 104 13.77 -14.29 -6.69
N GLY A 105 12.78 -14.96 -6.11
CA GLY A 105 12.86 -16.40 -5.91
C GLY A 105 13.35 -16.81 -4.55
N ASP A 106 13.84 -15.85 -3.76
CA ASP A 106 14.24 -16.16 -2.37
C ASP A 106 13.06 -16.53 -1.50
N ASN A 107 13.35 -17.29 -0.45
CA ASN A 107 12.38 -17.56 0.59
C ASN A 107 12.64 -16.62 1.75
N LEU A 108 11.64 -15.84 2.13
CA LEU A 108 11.78 -15.00 3.29
C LEU A 108 11.26 -15.72 4.51
N ILE A 109 11.94 -15.50 5.63
CA ILE A 109 11.53 -15.92 6.94
C ILE A 109 11.59 -14.67 7.78
N ILE A 110 10.45 -14.21 8.28
CA ILE A 110 10.39 -12.94 8.99
C ILE A 110 9.69 -13.14 10.32
N HIS A 111 10.47 -13.06 11.39
CA HIS A 111 10.00 -13.31 12.75
C HIS A 111 9.49 -12.00 13.27
N VAL A 112 8.18 -11.91 13.47
CA VAL A 112 7.60 -10.66 13.90
C VAL A 112 7.17 -10.82 15.34
N THR A 113 7.81 -10.04 16.20
CA THR A 113 7.47 -10.03 17.62
C THR A 113 6.76 -8.75 17.93
N ASN A 114 5.59 -8.90 18.51
CA ASN A 114 4.80 -7.77 18.92
C ASN A 114 5.25 -7.31 20.31
N ASN A 115 5.98 -6.20 20.35
CA ASN A 115 6.40 -5.60 21.62
C ASN A 115 5.62 -4.37 22.01
N LEU A 116 4.40 -4.27 21.52
CA LEU A 116 3.49 -3.24 21.93
C LEU A 116 2.72 -3.81 23.13
N GLU A 117 2.31 -2.93 24.04
CA GLU A 117 1.54 -3.37 25.18
C GLU A 117 0.04 -3.44 24.91
N HIS A 118 -0.49 -2.55 24.06
CA HIS A 118 -1.95 -2.36 24.00
C HIS A 118 -2.67 -2.55 22.63
N ASN A 119 -2.01 -3.17 21.68
CA ASN A 119 -2.61 -3.49 20.37
C ASN A 119 -2.15 -4.89 20.01
N GLY A 120 -3.02 -5.68 19.39
CA GLY A 120 -2.53 -6.74 18.51
C GLY A 120 -1.70 -6.13 17.38
N THR A 121 -1.09 -6.97 16.57
CA THR A 121 -0.57 -6.48 15.32
C THR A 121 -0.63 -7.61 14.27
N SER A 122 -0.28 -7.29 13.03
CA SER A 122 -0.34 -8.28 11.94
C SER A 122 0.29 -7.60 10.73
N ILE A 123 1.35 -8.19 10.21
CA ILE A 123 2.14 -7.53 9.17
C ILE A 123 1.90 -8.08 7.78
N HIS A 124 1.53 -7.15 6.89
CA HIS A 124 1.27 -7.49 5.51
C HIS A 124 2.40 -7.07 4.55
N TRP A 125 2.67 -7.95 3.59
CA TRP A 125 3.73 -7.76 2.61
C TRP A 125 3.02 -7.36 1.33
N HIS A 126 2.98 -6.06 1.08
CA HIS A 126 2.06 -5.48 0.13
C HIS A 126 2.39 -5.88 -1.28
N GLY A 127 1.41 -6.47 -1.96
CA GLY A 127 1.55 -6.87 -3.35
C GLY A 127 2.21 -8.22 -3.53
N ILE A 128 2.66 -8.79 -2.42
CA ILE A 128 3.21 -10.14 -2.42
C ILE A 128 2.11 -11.15 -2.68
N ARG A 129 2.24 -11.88 -3.79
CA ARG A 129 1.22 -12.78 -4.28
C ARG A 129 0.76 -13.81 -3.22
N GLN A 130 1.72 -14.39 -2.50
CA GLN A 130 1.47 -15.35 -1.40
C GLN A 130 0.80 -16.65 -1.89
N LEU A 131 1.14 -17.07 -3.11
CA LEU A 131 0.65 -18.34 -3.65
C LEU A 131 1.05 -19.49 -2.74
N GLY A 132 0.06 -20.21 -2.19
CA GLY A 132 0.37 -21.28 -1.23
C GLY A 132 0.90 -20.84 0.14
N SER A 133 0.78 -19.55 0.44
CA SER A 133 1.22 -19.04 1.74
C SER A 133 0.21 -18.02 2.22
N LEU A 134 -1.06 -18.31 1.93
CA LEU A 134 -2.20 -17.44 2.30
C LEU A 134 -2.14 -16.97 3.76
N GLU A 135 -1.67 -17.82 4.65
CA GLU A 135 -1.73 -17.56 6.09
C GLU A 135 -0.58 -16.62 6.51
N TYR A 136 0.23 -16.24 5.53
CA TYR A 136 1.27 -15.29 5.81
C TYR A 136 1.02 -13.95 5.16
N ASP A 137 -0.19 -13.72 4.67
CA ASP A 137 -0.54 -12.45 4.01
C ASP A 137 -0.64 -11.31 4.99
N GLY A 138 -0.76 -11.62 6.28
CA GLY A 138 -0.74 -10.59 7.30
C GLY A 138 -1.98 -9.76 7.50
N VAL A 139 -3.14 -10.23 7.05
CA VAL A 139 -4.40 -9.49 7.27
C VAL A 139 -5.15 -10.01 8.52
N PRO A 140 -5.25 -9.22 9.60
CA PRO A 140 -5.90 -9.75 10.80
C PRO A 140 -7.40 -9.86 10.56
N GLY A 141 -8.01 -10.97 10.95
CA GLY A 141 -9.43 -11.13 10.71
C GLY A 141 -9.66 -11.76 9.34
N VAL A 142 -8.61 -11.86 8.53
CA VAL A 142 -8.72 -12.59 7.25
C VAL A 142 -7.81 -13.82 7.18
N THR A 143 -6.51 -13.65 7.38
CA THR A 143 -5.55 -14.74 7.15
C THR A 143 -4.81 -15.14 8.43
N GLN A 144 -5.08 -14.43 9.52
CA GLN A 144 -4.61 -14.78 10.84
C GLN A 144 -5.44 -14.01 11.89
N CYS A 145 -5.34 -14.47 13.13
CA CYS A 145 -5.71 -13.66 14.28
C CYS A 145 -4.56 -12.67 14.43
N PRO A 146 -4.79 -11.56 15.14
CA PRO A 146 -3.70 -10.63 15.44
C PRO A 146 -2.68 -11.31 16.30
N ILE A 147 -1.42 -10.87 16.18
CA ILE A 147 -0.31 -11.31 17.01
C ILE A 147 -0.49 -10.59 18.35
N ALA A 148 -0.69 -11.36 19.42
CA ALA A 148 -0.97 -10.76 20.73
C ALA A 148 0.28 -10.06 21.22
N PRO A 149 0.15 -9.05 22.11
CA PRO A 149 1.32 -8.51 22.81
C PRO A 149 2.22 -9.57 23.47
N GLY A 150 3.53 -9.46 23.22
CA GLY A 150 4.51 -10.43 23.71
C GLY A 150 4.68 -11.64 22.79
N ASP A 151 3.73 -11.89 21.91
CA ASP A 151 3.80 -13.06 21.05
C ASP A 151 4.62 -12.81 19.76
N THR A 152 4.94 -13.89 19.05
CA THR A 152 5.76 -13.83 17.86
C THR A 152 5.10 -14.68 16.79
N LEU A 153 5.00 -14.11 15.59
CA LEU A 153 4.57 -14.83 14.41
C LEU A 153 5.67 -14.77 13.38
N THR A 154 6.04 -15.95 12.87
CA THR A 154 7.05 -16.08 11.83
C THR A 154 6.42 -16.26 10.47
N TYR A 155 6.56 -15.24 9.63
CA TYR A 155 5.96 -15.23 8.33
C TYR A 155 6.95 -15.84 7.37
N LYS A 156 6.47 -16.82 6.60
CA LYS A 156 7.29 -17.47 5.60
C LYS A 156 6.62 -17.37 4.24
N PHE A 157 7.39 -17.01 3.23
CA PHE A 157 6.87 -16.95 1.87
C PHE A 157 8.00 -16.78 0.90
N GLN A 158 7.73 -17.17 -0.33
CA GLN A 158 8.70 -17.03 -1.37
C GLN A 158 8.39 -15.75 -2.11
N VAL A 159 9.41 -15.00 -2.51
CA VAL A 159 9.14 -13.87 -3.35
C VAL A 159 9.20 -14.36 -4.81
N THR A 160 8.07 -14.30 -5.49
CA THR A 160 7.94 -14.79 -6.85
C THR A 160 7.71 -13.58 -7.76
N GLN A 161 8.09 -12.41 -7.25
CA GLN A 161 7.96 -11.17 -7.98
C GLN A 161 9.23 -10.42 -7.72
N TYR A 162 9.46 -9.35 -8.49
CA TYR A 162 10.63 -8.51 -8.30
C TYR A 162 10.20 -7.04 -8.51
N GLY A 163 10.90 -6.12 -7.87
CA GLY A 163 10.53 -4.72 -7.95
C GLY A 163 10.44 -4.08 -6.59
N THR A 164 9.58 -3.09 -6.48
CA THR A 164 9.50 -2.23 -5.32
C THR A 164 8.18 -2.44 -4.61
N THR A 165 8.26 -2.81 -3.36
CA THR A 165 7.08 -2.70 -2.55
C THR A 165 7.46 -2.37 -1.13
N TRP A 166 6.52 -2.63 -0.24
CA TRP A 166 6.66 -2.31 1.14
C TRP A 166 5.91 -3.32 2.00
N TYR A 167 6.17 -3.27 3.29
CA TYR A 167 5.43 -4.05 4.27
C TYR A 167 4.92 -3.10 5.33
N HIS A 168 3.76 -3.38 5.88
CA HIS A 168 3.17 -2.50 6.85
C HIS A 168 2.22 -3.29 7.72
N SER A 169 1.90 -2.77 8.89
CA SER A 169 0.85 -3.42 9.66
C SER A 169 -0.47 -3.32 8.92
N HIS A 170 -1.31 -4.34 9.08
CA HIS A 170 -2.63 -4.32 8.53
C HIS A 170 -3.61 -4.31 9.67
N PHE A 171 -3.10 -4.11 10.87
CA PHE A 171 -3.93 -4.11 12.04
C PHE A 171 -4.44 -2.71 12.20
N SER A 172 -5.72 -2.53 11.87
CA SER A 172 -6.34 -1.24 12.10
C SER A 172 -5.44 -0.16 11.49
N LEU A 173 -5.12 0.90 12.23
CA LEU A 173 -4.50 2.08 11.64
C LEU A 173 -3.00 2.15 11.82
N GLN A 174 -2.44 1.10 12.41
CA GLN A 174 -1.04 1.14 12.84
C GLN A 174 -0.05 1.73 11.86
N TYR A 175 -0.13 1.38 10.57
CA TYR A 175 0.87 1.91 9.61
C TYR A 175 0.91 3.43 9.57
N GLY A 176 -0.19 4.07 9.99
CA GLY A 176 -0.26 5.52 10.09
C GLY A 176 0.61 6.13 11.17
N ASP A 177 1.02 5.31 12.13
CA ASP A 177 1.95 5.73 13.17
C ASP A 177 3.39 5.31 12.89
N GLY A 178 3.66 4.98 11.63
CA GLY A 178 5.01 4.65 11.19
C GLY A 178 5.32 3.20 10.97
N LEU A 179 4.33 2.32 11.16
CA LEU A 179 4.57 0.87 11.11
C LEU A 179 4.60 0.31 9.66
N PHE A 180 5.64 0.70 8.91
CA PHE A 180 5.86 0.24 7.51
C PHE A 180 7.34 0.31 7.26
N GLY A 181 7.81 -0.38 6.22
CA GLY A 181 9.20 -0.32 5.76
C GLY A 181 9.28 -0.77 4.32
N PRO A 182 10.47 -0.65 3.70
CA PRO A 182 10.60 -1.03 2.29
C PRO A 182 10.80 -2.53 2.15
N LEU A 183 10.16 -3.12 1.15
CA LEU A 183 10.46 -4.49 0.75
C LEU A 183 10.91 -4.41 -0.70
N ILE A 184 12.21 -4.59 -0.92
CA ILE A 184 12.81 -4.48 -2.25
C ILE A 184 13.29 -5.85 -2.69
N ILE A 185 12.84 -6.26 -3.88
CA ILE A 185 13.20 -7.52 -4.43
C ILE A 185 13.93 -7.31 -5.73
N ASN A 186 15.21 -7.69 -5.75
CA ASN A 186 16.06 -7.55 -6.93
C ASN A 186 15.69 -8.49 -8.05
N GLY A 187 15.81 -7.98 -9.27
CA GLY A 187 15.51 -8.75 -10.46
C GLY A 187 15.70 -7.87 -11.68
N PRO A 188 15.13 -8.29 -12.82
CA PRO A 188 15.14 -7.58 -14.10
C PRO A 188 14.54 -6.16 -14.06
N ALA A 189 14.83 -5.36 -15.07
CA ALA A 189 14.34 -3.98 -15.14
C ALA A 189 14.25 -3.65 -16.62
N THR A 190 13.29 -2.82 -17.01
CA THR A 190 13.03 -2.52 -18.42
C THR A 190 13.95 -1.45 -18.99
N ALA A 191 14.78 -0.84 -18.16
CA ALA A 191 15.76 0.14 -18.64
C ALA A 191 17.01 0.03 -17.80
N ASP A 192 18.10 0.55 -18.33
CA ASP A 192 19.39 0.53 -17.64
C ASP A 192 19.56 1.72 -16.72
N TYR A 193 20.30 1.53 -15.64
CA TYR A 193 20.65 2.60 -14.73
C TYR A 193 21.96 2.18 -14.06
N ASP A 194 22.66 3.14 -13.47
CA ASP A 194 23.95 2.85 -12.87
C ASP A 194 23.81 2.70 -11.37
N GLU A 195 22.81 3.35 -10.81
CA GLU A 195 22.66 3.34 -9.35
C GLU A 195 21.21 3.26 -8.86
N ASP A 196 21.02 2.52 -7.78
CA ASP A 196 19.72 2.33 -7.19
C ASP A 196 19.75 3.06 -5.86
N VAL A 197 18.96 4.11 -5.73
CA VAL A 197 19.01 4.93 -4.50
C VAL A 197 18.04 4.37 -3.49
N GLY A 198 17.30 3.35 -3.92
CA GLY A 198 16.30 2.74 -3.09
C GLY A 198 15.07 3.62 -3.03
N VAL A 199 14.38 3.51 -1.90
CA VAL A 199 12.98 3.88 -1.84
C VAL A 199 12.84 5.31 -1.36
N ILE A 200 11.85 6.02 -1.89
CA ILE A 200 11.50 7.33 -1.36
C ILE A 200 10.03 7.25 -0.98
N PHE A 201 9.75 7.28 0.33
CA PHE A 201 8.41 7.17 0.84
C PHE A 201 7.79 8.53 0.83
N LEU A 202 6.53 8.59 0.41
CA LEU A 202 5.81 9.85 0.42
C LEU A 202 4.60 9.60 1.30
N GLN A 203 4.37 10.50 2.23
CA GLN A 203 3.28 10.34 3.17
C GLN A 203 2.90 11.66 3.80
N ASP A 204 1.71 11.67 4.36
CA ASP A 204 1.32 12.68 5.31
C ASP A 204 2.01 12.31 6.61
N TRP A 205 1.93 13.17 7.62
CA TRP A 205 2.50 12.86 8.92
C TRP A 205 1.81 13.67 10.01
N ALA A 206 1.14 12.98 10.91
CA ALA A 206 0.48 13.63 12.03
C ALA A 206 1.52 14.00 13.11
N HIS A 207 1.13 14.86 14.05
CA HIS A 207 1.98 15.15 15.19
C HIS A 207 1.42 14.55 16.46
N GLU A 208 0.69 13.45 16.29
CA GLU A 208 0.20 12.64 17.39
C GLU A 208 -0.28 11.32 16.76
N SER A 209 -0.63 10.35 17.60
CA SER A 209 -1.04 9.03 17.14
C SER A 209 -2.30 9.10 16.31
N VAL A 210 -2.30 8.37 15.20
CA VAL A 210 -3.48 8.23 14.39
C VAL A 210 -4.64 7.77 15.31
N PHE A 211 -4.31 7.07 16.38
CA PHE A 211 -5.35 6.51 17.25
C PHE A 211 -6.01 7.56 18.12
N GLU A 212 -5.33 8.70 18.33
CA GLU A 212 -5.89 9.86 19.05
C GLU A 212 -7.00 10.50 18.21
N ILE A 213 -6.84 10.50 16.90
CA ILE A 213 -7.74 11.25 16.07
C ILE A 213 -8.78 10.40 15.36
N TRP A 214 -8.72 9.09 15.56
CA TRP A 214 -9.65 8.18 14.93
C TRP A 214 -11.10 8.49 15.29
N ASP A 215 -11.38 8.65 16.60
CA ASP A 215 -12.75 8.97 17.03
C ASP A 215 -13.31 10.24 16.39
N THR A 216 -12.44 11.18 16.06
CA THR A 216 -12.86 12.35 15.31
C THR A 216 -13.06 12.00 13.84
N ALA A 217 -12.06 11.36 13.25
CA ALA A 217 -12.07 11.04 11.82
C ALA A 217 -13.26 10.18 11.46
N ARG A 218 -13.65 9.27 12.35
CA ARG A 218 -14.79 8.37 12.10
C ARG A 218 -16.20 9.00 12.09
N LEU A 219 -16.30 10.28 12.45
CA LEU A 219 -17.49 11.09 12.13
C LEU A 219 -17.54 11.38 10.63
N GLY A 220 -16.45 11.08 9.91
CA GLY A 220 -16.50 11.03 8.44
C GLY A 220 -15.52 11.90 7.69
N ALA A 221 -15.02 12.93 8.34
CA ALA A 221 -14.10 13.84 7.67
C ALA A 221 -12.70 13.50 8.13
N PRO A 222 -11.83 13.10 7.19
CA PRO A 222 -10.45 12.96 7.58
C PRO A 222 -9.92 14.33 7.96
N PRO A 223 -9.17 14.40 9.07
CA PRO A 223 -8.61 15.64 9.55
C PRO A 223 -7.37 16.00 8.72
N ALA A 224 -7.09 17.29 8.62
CA ALA A 224 -5.87 17.77 8.01
C ALA A 224 -4.72 17.44 8.94
N LEU A 225 -3.73 16.66 8.48
CA LEU A 225 -2.58 16.37 9.36
C LEU A 225 -1.53 17.49 9.39
N GLU A 226 -0.63 17.43 10.36
CA GLU A 226 0.23 18.57 10.66
C GLU A 226 1.37 18.75 9.68
N ASN A 227 1.79 17.66 9.03
CA ASN A 227 2.92 17.75 8.13
C ASN A 227 2.94 16.62 7.10
N THR A 228 4.02 16.56 6.33
CA THR A 228 4.24 15.43 5.45
C THR A 228 5.71 15.03 5.64
N LEU A 229 6.08 13.80 5.28
CA LEU A 229 7.47 13.42 5.27
C LEU A 229 7.85 12.90 3.90
N MET A 230 9.07 13.20 3.49
CA MET A 230 9.62 12.59 2.31
C MET A 230 10.77 11.78 2.85
N ASN A 231 10.68 10.49 2.57
CA ASN A 231 11.57 9.49 3.12
C ASN A 231 11.86 9.61 4.62
N GLY A 232 10.83 9.90 5.41
CA GLY A 232 10.92 9.89 6.86
C GLY A 232 11.35 11.23 7.44
N THR A 233 11.62 12.20 6.57
CA THR A 233 12.03 13.52 7.06
C THR A 233 11.34 14.73 6.46
N ASN A 234 11.26 15.81 7.23
CA ASN A 234 10.90 17.10 6.69
C ASN A 234 11.27 18.22 7.65
N THR A 235 11.19 19.47 7.19
CA THR A 235 11.23 20.63 8.06
C THR A 235 9.87 20.81 8.69
N PHE A 236 9.84 21.54 9.80
CA PHE A 236 8.61 22.03 10.43
C PHE A 236 8.98 23.27 11.26
N ASP A 237 8.09 24.25 11.27
CA ASP A 237 8.40 25.50 11.93
C ASP A 237 7.99 25.42 13.38
N CYS A 238 8.97 25.28 14.27
CA CYS A 238 8.68 25.23 15.69
C CYS A 238 8.86 26.60 16.39
N SER A 239 9.28 27.62 15.63
CA SER A 239 9.64 28.92 16.20
C SER A 239 8.44 29.85 16.47
N ALA A 240 7.40 29.28 17.05
CA ALA A 240 6.27 30.02 17.57
C ALA A 240 5.64 29.13 18.62
N SER A 241 5.95 27.84 18.52
CA SER A 241 5.25 26.82 19.29
C SER A 241 5.55 26.86 20.77
N THR A 242 4.52 26.66 21.57
CA THR A 242 4.66 26.49 23.02
C THR A 242 4.57 25.01 23.40
N ASP A 243 4.41 24.15 22.39
CA ASP A 243 4.51 22.70 22.56
C ASP A 243 5.97 22.36 22.79
N PRO A 244 6.26 21.71 23.93
CA PRO A 244 7.65 21.34 24.21
C PRO A 244 8.19 20.30 23.21
N ASN A 245 7.29 19.50 22.60
CA ASN A 245 7.67 18.51 21.60
C ASN A 245 8.14 19.13 20.28
N CYS A 246 7.69 20.35 19.99
CA CYS A 246 8.13 21.01 18.79
C CYS A 246 9.53 21.58 18.99
N VAL A 247 10.52 20.69 18.91
CA VAL A 247 11.91 21.05 19.13
C VAL A 247 12.66 21.64 17.92
N GLY A 248 12.04 21.56 16.73
CA GLY A 248 12.59 22.20 15.51
C GLY A 248 13.76 21.38 15.02
N GLY A 249 14.46 21.90 14.01
CA GLY A 249 15.64 21.23 13.44
C GLY A 249 15.30 20.17 12.39
N GLY A 250 14.01 20.02 12.11
CA GLY A 250 13.57 19.10 11.07
C GLY A 250 14.19 19.57 9.79
N LYS A 251 14.53 18.64 8.92
CA LYS A 251 15.36 18.94 7.77
C LYS A 251 14.75 18.31 6.53
N LYS A 252 14.98 18.90 5.38
CA LYS A 252 14.49 18.35 4.14
C LYS A 252 15.17 17.04 3.76
N PHE A 253 14.36 16.17 3.15
CA PHE A 253 14.88 15.04 2.45
C PHE A 253 15.93 15.51 1.45
N GLU A 254 17.12 14.92 1.50
CA GLU A 254 18.17 15.27 0.53
C GLU A 254 18.49 14.08 -0.32
N LEU A 255 18.64 14.34 -1.62
CA LEU A 255 19.10 13.35 -2.57
C LEU A 255 20.26 13.98 -3.36
N THR A 256 21.37 13.25 -3.48
CA THR A 256 22.57 13.79 -4.09
C THR A 256 22.86 13.11 -5.42
N PHE A 257 22.90 13.90 -6.49
CA PHE A 257 23.23 13.35 -7.80
C PHE A 257 24.71 13.60 -8.16
N VAL A 258 25.29 12.63 -8.85
CA VAL A 258 26.55 12.80 -9.57
C VAL A 258 26.15 12.97 -11.04
N GLU A 259 26.66 14.04 -11.65
CA GLU A 259 26.25 14.44 -13.00
C GLU A 259 26.46 13.32 -14.05
N GLY A 260 25.50 13.14 -14.95
CA GLY A 260 25.60 12.06 -15.95
C GLY A 260 25.25 10.62 -15.50
N THR A 261 25.22 10.38 -14.18
CA THR A 261 24.83 9.05 -13.62
C THR A 261 23.33 8.78 -13.74
N LYS A 262 22.95 7.53 -14.00
CA LYS A 262 21.53 7.13 -13.99
C LYS A 262 21.11 6.53 -12.65
N TYR A 263 20.02 7.04 -12.11
CA TYR A 263 19.54 6.66 -10.78
C TYR A 263 18.17 6.01 -10.89
N ARG A 264 18.03 4.82 -10.33
CA ARG A 264 16.71 4.21 -10.14
C ARG A 264 16.15 4.72 -8.81
N LEU A 265 15.00 5.40 -8.87
CA LEU A 265 14.28 5.84 -7.67
C LEU A 265 13.07 4.94 -7.47
N ARG A 266 12.79 4.54 -6.24
CA ARG A 266 11.66 3.66 -5.97
C ARG A 266 10.65 4.39 -5.13
N LEU A 267 9.60 4.90 -5.76
CA LEU A 267 8.62 5.75 -5.08
C LEU A 267 7.45 4.95 -4.54
N ILE A 268 7.07 5.23 -3.29
CA ILE A 268 5.91 4.60 -2.68
C ILE A 268 5.16 5.65 -1.90
N ASN A 269 3.86 5.74 -2.15
CA ASN A 269 2.98 6.60 -1.38
C ASN A 269 2.45 5.72 -0.24
N VAL A 270 2.78 6.13 0.99
CA VAL A 270 2.46 5.37 2.18
C VAL A 270 1.65 6.20 3.19
N GLY A 271 1.02 7.28 2.70
CA GLY A 271 0.25 8.14 3.57
C GLY A 271 -0.99 7.46 4.12
N ILE A 272 -1.54 8.04 5.18
CA ILE A 272 -2.87 7.68 5.73
C ILE A 272 -3.99 8.06 4.73
N ASP A 273 -3.87 9.27 4.22
CA ASP A 273 -4.84 9.82 3.29
C ASP A 273 -4.16 10.94 2.51
N SER A 274 -3.41 10.58 1.47
CA SER A 274 -2.54 11.54 0.76
C SER A 274 -2.38 11.10 -0.65
N HIS A 275 -2.36 12.04 -1.58
CA HIS A 275 -2.09 11.71 -2.97
C HIS A 275 -0.93 12.56 -3.39
N PHE A 276 -0.04 11.97 -4.19
CA PHE A 276 1.10 12.72 -4.65
C PHE A 276 1.21 12.73 -6.14
N GLU A 277 1.96 13.71 -6.63
CA GLU A 277 2.29 13.81 -8.01
C GLU A 277 3.77 14.15 -8.05
N PHE A 278 4.60 13.16 -7.76
CA PHE A 278 6.02 13.35 -7.56
C PHE A 278 6.66 13.99 -8.81
N ALA A 279 7.45 15.01 -8.55
CA ALA A 279 8.24 15.67 -9.59
C ALA A 279 9.60 16.09 -9.04
N ILE A 280 10.58 16.09 -9.93
CA ILE A 280 11.87 16.63 -9.62
C ILE A 280 12.10 17.74 -10.64
N ASP A 281 12.31 18.95 -10.15
CA ASP A 281 12.51 20.11 -11.03
C ASP A 281 13.57 19.89 -12.11
N ASN A 282 13.18 20.22 -13.35
CA ASN A 282 14.05 20.10 -14.54
C ASN A 282 14.70 18.74 -14.78
N HIS A 283 14.10 17.71 -14.18
CA HIS A 283 14.43 16.35 -14.52
C HIS A 283 13.21 15.59 -15.06
N THR A 284 13.49 14.54 -15.80
CA THR A 284 12.50 13.72 -16.42
C THR A 284 12.50 12.41 -15.65
N LEU A 285 11.32 11.86 -15.42
CA LEU A 285 11.26 10.51 -14.88
C LEU A 285 11.00 9.56 -16.03
N THR A 286 11.82 8.53 -16.13
CA THR A 286 11.50 7.43 -17.01
C THR A 286 10.91 6.33 -16.14
N VAL A 287 9.61 6.10 -16.32
CA VAL A 287 8.89 5.17 -15.47
C VAL A 287 9.13 3.78 -16.05
N ILE A 288 9.74 2.90 -15.26
CA ILE A 288 10.08 1.53 -15.69
C ILE A 288 9.27 0.38 -15.03
N ALA A 289 8.50 0.72 -14.00
CA ALA A 289 7.63 -0.25 -13.28
C ALA A 289 6.50 0.43 -12.54
N ASN A 290 5.34 -0.24 -12.52
CA ASN A 290 4.25 0.15 -11.66
C ASN A 290 3.95 -0.97 -10.67
N ASP A 291 3.93 -0.64 -9.37
CA ASP A 291 3.85 -1.66 -8.34
C ASP A 291 4.93 -2.71 -8.61
N LEU A 292 4.57 -3.99 -8.73
CA LEU A 292 5.56 -5.07 -8.90
C LEU A 292 5.54 -5.65 -10.33
N VAL A 293 5.13 -4.82 -11.27
CA VAL A 293 5.02 -5.18 -12.67
C VAL A 293 5.88 -4.23 -13.52
N PRO A 294 6.99 -4.71 -14.08
CA PRO A 294 7.75 -3.89 -15.01
C PRO A 294 6.90 -3.43 -16.21
N ILE A 295 7.01 -2.16 -16.58
CA ILE A 295 6.32 -1.62 -17.75
C ILE A 295 7.27 -1.12 -18.81
N VAL A 296 6.75 -1.03 -20.04
CA VAL A 296 7.43 -0.39 -21.16
C VAL A 296 7.72 1.07 -20.75
N PRO A 297 9.02 1.41 -20.61
CA PRO A 297 9.47 2.76 -20.22
C PRO A 297 8.76 3.87 -20.95
N TYR A 298 8.33 4.86 -20.20
CA TYR A 298 7.81 6.08 -20.76
C TYR A 298 8.30 7.24 -19.88
N THR A 299 8.39 8.43 -20.47
CA THR A 299 8.96 9.58 -19.76
C THR A 299 7.87 10.53 -19.33
N THR A 300 8.06 11.15 -18.17
CA THR A 300 7.03 12.05 -17.66
C THR A 300 7.67 13.11 -16.79
N ASP A 301 7.10 14.30 -16.82
CA ASP A 301 7.56 15.37 -15.95
C ASP A 301 7.09 15.16 -14.51
N THR A 302 5.85 14.66 -14.33
CA THR A 302 5.28 14.36 -12.99
C THR A 302 4.65 12.98 -12.95
N LEU A 303 4.51 12.44 -11.74
CA LEU A 303 3.98 11.09 -11.54
C LEU A 303 2.92 11.10 -10.43
N LEU A 304 1.67 10.93 -10.84
CA LEU A 304 0.55 10.83 -9.92
C LEU A 304 0.72 9.49 -9.21
N ILE A 305 0.61 9.48 -7.88
CA ILE A 305 0.79 8.23 -7.12
C ILE A 305 -0.24 8.10 -6.01
N GLY A 306 -1.09 7.06 -6.11
CA GLY A 306 -2.06 6.76 -5.07
C GLY A 306 -1.48 6.00 -3.90
N ILE A 307 -2.21 5.93 -2.79
CA ILE A 307 -1.67 5.30 -1.59
C ILE A 307 -1.43 3.84 -1.84
N GLY A 308 -0.24 3.36 -1.53
CA GLY A 308 0.11 1.95 -1.67
C GLY A 308 0.63 1.61 -3.05
N GLN A 309 0.52 2.55 -3.99
CA GLN A 309 1.14 2.41 -5.29
C GLN A 309 2.65 2.63 -5.21
N ARG A 310 3.37 1.98 -6.12
CA ARG A 310 4.79 2.16 -6.31
C ARG A 310 5.09 2.48 -7.76
N TYR A 311 6.07 3.33 -7.99
CA TYR A 311 6.66 3.40 -9.30
C TYR A 311 8.14 3.35 -9.14
N ASP A 312 8.77 2.65 -10.07
CA ASP A 312 10.21 2.74 -10.21
C ASP A 312 10.45 3.67 -11.36
N VAL A 313 11.30 4.67 -11.15
CA VAL A 313 11.67 5.59 -12.21
C VAL A 313 13.19 5.63 -12.34
N ILE A 314 13.66 5.84 -13.56
CA ILE A 314 15.06 6.16 -13.79
C ILE A 314 15.13 7.65 -14.02
N VAL A 315 16.03 8.30 -13.29
CA VAL A 315 16.28 9.72 -13.51
C VAL A 315 17.74 9.86 -13.91
N GLU A 316 17.97 10.47 -15.05
CA GLU A 316 19.32 10.79 -15.46
C GLU A 316 19.68 12.15 -14.91
N ALA A 317 20.84 12.24 -14.25
CA ALA A 317 21.29 13.49 -13.64
C ALA A 317 22.00 14.35 -14.69
N ASN A 318 21.24 14.77 -15.70
CA ASN A 318 21.78 15.46 -16.87
C ASN A 318 21.45 16.97 -16.88
N ALA A 319 21.20 17.52 -15.70
CA ALA A 319 20.87 18.94 -15.60
C ALA A 319 22.09 19.76 -15.19
N ALA A 320 22.01 21.07 -15.39
CA ALA A 320 23.00 21.99 -14.84
C ALA A 320 23.19 21.64 -13.37
N ALA A 321 24.44 21.58 -12.91
CA ALA A 321 24.68 21.17 -11.53
C ALA A 321 24.20 22.24 -10.58
N ASP A 322 23.11 21.93 -9.89
CA ASP A 322 22.47 22.89 -9.00
C ASP A 322 21.63 22.16 -7.94
N ASN A 323 20.99 22.93 -7.06
CA ASN A 323 19.97 22.45 -6.15
C ASN A 323 18.62 22.52 -6.83
N TYR A 324 17.84 21.46 -6.73
CA TYR A 324 16.52 21.44 -7.34
C TYR A 324 15.43 21.06 -6.35
N TRP A 325 14.25 21.63 -6.51
CA TRP A 325 13.14 21.18 -5.68
C TRP A 325 12.75 19.78 -6.13
N ILE A 326 12.57 18.90 -5.14
CA ILE A 326 11.87 17.63 -5.32
C ILE A 326 10.45 17.85 -4.78
N ARG A 327 9.44 17.64 -5.61
CA ARG A 327 8.07 17.97 -5.26
C ARG A 327 7.17 16.75 -5.11
N GLY A 328 6.65 16.56 -3.89
CA GLY A 328 5.60 15.57 -3.64
C GLY A 328 4.33 15.97 -4.39
N ASN A 329 4.06 17.29 -4.42
CA ASN A 329 2.87 17.88 -5.07
C ASN A 329 1.66 17.26 -4.41
N TRP A 330 1.50 17.55 -3.13
CA TRP A 330 0.38 17.03 -2.37
C TRP A 330 -0.90 17.40 -3.09
N GLY A 331 -1.79 16.43 -3.28
CA GLY A 331 -3.05 16.67 -3.97
C GLY A 331 -4.03 17.34 -3.04
N THR A 332 -4.09 18.68 -3.12
CA THR A 332 -4.91 19.44 -2.21
C THR A 332 -6.38 19.16 -2.49
N THR A 333 -6.71 18.81 -3.73
CA THR A 333 -8.08 18.48 -4.05
C THR A 333 -8.45 17.10 -3.52
N CYS A 334 -7.43 16.28 -3.30
CA CYS A 334 -7.62 14.87 -2.94
C CYS A 334 -7.87 14.73 -1.45
N SER A 335 -7.14 15.55 -0.67
CA SER A 335 -7.27 15.59 0.78
C SER A 335 -6.46 16.76 1.35
N THR A 336 -6.82 17.19 2.56
CA THR A 336 -6.26 18.37 3.22
C THR A 336 -5.00 18.04 4.03
N ASN A 337 -4.12 19.02 4.17
CA ASN A 337 -2.93 18.90 5.01
C ASN A 337 -2.54 20.30 5.47
N ASN A 338 -2.07 20.46 6.70
CA ASN A 338 -1.70 21.80 7.20
C ASN A 338 -0.51 22.38 6.46
N GLU A 339 0.30 21.53 5.84
CA GLU A 339 1.57 21.99 5.30
C GLU A 339 1.82 21.39 3.92
N ALA A 340 0.78 21.38 3.11
CA ALA A 340 0.77 20.70 1.83
C ALA A 340 1.88 21.18 0.88
N ALA A 341 2.17 22.48 0.89
CA ALA A 341 3.18 23.02 -0.02
C ALA A 341 4.60 22.62 0.45
N ASN A 342 4.72 22.11 1.68
CA ASN A 342 5.98 21.68 2.21
C ASN A 342 6.29 20.20 2.03
N ALA A 343 5.43 19.52 1.26
CA ALA A 343 5.70 18.16 0.78
C ALA A 343 6.78 18.19 -0.30
N THR A 344 8.01 18.50 0.10
CA THR A 344 9.11 18.68 -0.85
C THR A 344 10.41 18.21 -0.21
N GLY A 345 11.43 18.03 -1.06
CA GLY A 345 12.79 17.74 -0.63
C GLY A 345 13.79 18.41 -1.55
N ILE A 346 15.07 18.08 -1.38
CA ILE A 346 16.14 18.73 -2.13
C ILE A 346 17.00 17.76 -2.95
N LEU A 347 17.06 18.02 -4.24
CA LEU A 347 18.02 17.40 -5.10
C LEU A 347 19.26 18.31 -5.13
N ARG A 348 20.42 17.75 -4.77
CA ARG A 348 21.71 18.46 -4.81
C ARG A 348 22.62 17.70 -5.76
N TYR A 349 23.37 18.44 -6.58
CA TYR A 349 24.44 17.87 -7.41
C TYR A 349 25.76 18.12 -6.74
N ASP A 350 25.71 18.98 -5.73
CA ASP A 350 26.86 19.29 -4.93
C ASP A 350 26.45 19.15 -3.48
N SER A 351 27.00 18.10 -2.89
CA SER A 351 26.75 17.65 -1.51
C SER A 351 27.07 18.67 -0.43
N SER A 352 28.08 19.51 -0.66
CA SER A 352 28.50 20.49 0.34
C SER A 352 27.53 21.67 0.40
N SER A 353 26.82 21.91 -0.71
CA SER A 353 25.79 22.96 -0.75
C SER A 353 24.72 22.75 0.34
N ILE A 354 24.42 23.84 1.04
CA ILE A 354 23.43 23.86 2.09
C ILE A 354 22.36 24.90 1.72
N ALA A 355 22.32 25.26 0.43
CA ALA A 355 21.35 26.22 -0.09
C ALA A 355 20.03 25.56 -0.49
N ASN A 356 18.94 26.19 -0.08
CA ASN A 356 17.62 25.81 -0.52
C ASN A 356 17.47 26.03 -2.03
N PRO A 357 16.91 25.04 -2.74
CA PRO A 357 16.84 25.19 -4.20
C PRO A 357 15.92 26.35 -4.57
N THR A 358 16.06 26.88 -5.77
CA THR A 358 15.21 27.98 -6.21
C THR A 358 14.76 27.66 -7.61
N SER A 359 14.78 26.36 -7.93
CA SER A 359 14.39 25.86 -9.26
C SER A 359 12.92 26.11 -9.53
N VAL A 360 12.57 26.21 -10.81
CA VAL A 360 11.18 26.40 -11.20
C VAL A 360 10.63 25.03 -11.58
N GLY A 361 9.53 24.65 -10.94
CA GLY A 361 8.95 23.34 -11.16
C GLY A 361 7.93 23.31 -12.27
N THR A 362 7.58 22.11 -12.69
CA THR A 362 6.57 21.90 -13.72
C THR A 362 5.19 22.14 -13.10
N THR A 363 4.23 22.60 -13.92
CA THR A 363 2.87 22.73 -13.45
C THR A 363 2.29 21.33 -13.24
N PRO A 364 1.93 21.03 -11.98
CA PRO A 364 1.24 19.78 -11.65
C PRO A 364 -0.05 19.68 -12.44
N ARG A 365 -0.42 18.47 -12.80
CA ARG A 365 -1.75 18.23 -13.33
C ARG A 365 -2.79 18.58 -12.27
N GLY A 366 -2.42 18.34 -11.01
CA GLY A 366 -3.20 18.70 -9.82
C GLY A 366 -4.45 17.88 -9.62
N THR A 367 -4.46 16.66 -10.15
CA THR A 367 -5.62 15.76 -10.02
C THR A 367 -5.36 14.65 -8.99
N CYS A 368 -6.39 13.86 -8.70
CA CYS A 368 -6.29 12.68 -7.82
C CYS A 368 -6.29 11.38 -8.61
N GLU A 369 -6.01 11.50 -9.90
CA GLU A 369 -6.01 10.37 -10.79
C GLU A 369 -4.74 9.51 -10.64
N ASP A 370 -4.79 8.32 -11.24
CA ASP A 370 -3.61 7.51 -11.43
C ASP A 370 -2.97 7.98 -12.72
N GLU A 371 -1.79 7.45 -13.04
CA GLU A 371 -1.17 7.66 -14.33
C GLU A 371 -2.14 7.21 -15.44
N PRO A 372 -2.06 7.85 -16.63
CA PRO A 372 -3.00 7.42 -17.68
C PRO A 372 -2.80 5.95 -18.00
N VAL A 373 -3.91 5.23 -18.08
CA VAL A 373 -3.89 3.82 -18.50
C VAL A 373 -3.03 3.56 -19.74
N ALA A 374 -3.14 4.40 -20.76
CA ALA A 374 -2.33 4.27 -21.99
C ALA A 374 -0.83 4.26 -21.71
N SER A 375 -0.41 4.99 -20.69
CA SER A 375 1.01 5.02 -20.30
C SER A 375 1.51 3.74 -19.64
N LEU A 376 0.59 2.95 -19.08
CA LEU A 376 0.96 1.84 -18.21
C LEU A 376 0.88 0.49 -18.96
N VAL A 377 1.95 0.18 -19.71
CA VAL A 377 1.95 -0.99 -20.58
C VAL A 377 2.97 -2.00 -20.03
N PRO A 378 2.48 -3.12 -19.47
CA PRO A 378 3.41 -4.09 -18.87
C PRO A 378 4.39 -4.60 -19.94
N HIS A 379 5.63 -4.90 -19.56
CA HIS A 379 6.59 -5.49 -20.49
C HIS A 379 6.23 -6.90 -20.92
N LEU A 380 5.96 -7.75 -19.94
CA LEU A 380 5.48 -9.07 -20.19
C LEU A 380 4.00 -8.94 -20.49
N ALA A 381 3.67 -8.88 -21.78
CA ALA A 381 2.28 -8.72 -22.23
C ALA A 381 1.41 -9.94 -21.85
N LEU A 382 0.23 -9.68 -21.30
CA LEU A 382 -0.73 -10.74 -20.90
C LEU A 382 -2.13 -10.23 -21.13
N ASP A 383 -3.01 -11.11 -21.56
CA ASP A 383 -4.37 -10.73 -21.92
C ASP A 383 -5.34 -11.39 -20.96
N VAL A 384 -6.55 -10.86 -20.88
CA VAL A 384 -7.55 -11.42 -20.01
C VAL A 384 -8.41 -12.38 -20.83
N GLY A 385 -8.61 -13.60 -20.34
CA GLY A 385 -9.44 -14.59 -21.05
C GLY A 385 -10.93 -14.38 -20.84
N GLY A 386 -11.71 -15.42 -21.12
CA GLY A 386 -13.15 -15.44 -20.78
C GLY A 386 -13.28 -15.15 -19.29
N TYR A 387 -14.28 -14.36 -18.93
CA TYR A 387 -14.51 -14.00 -17.52
C TYR A 387 -15.98 -14.04 -17.18
N SER A 388 -16.23 -14.26 -15.90
CA SER A 388 -17.49 -13.89 -15.31
C SER A 388 -17.31 -12.49 -14.69
N LEU A 389 -18.41 -11.76 -14.59
CA LEU A 389 -18.35 -10.42 -14.07
C LEU A 389 -18.94 -10.33 -12.67
N VAL A 390 -18.15 -9.81 -11.73
CA VAL A 390 -18.70 -9.41 -10.44
C VAL A 390 -18.78 -7.88 -10.37
N ASP A 391 -19.98 -7.39 -10.06
CA ASP A 391 -20.22 -5.97 -9.97
C ASP A 391 -20.50 -5.66 -8.51
N GLU A 392 -19.88 -4.59 -8.00
CA GLU A 392 -20.13 -4.18 -6.62
C GLU A 392 -20.10 -2.67 -6.44
N GLN A 393 -20.85 -2.17 -5.45
CA GLN A 393 -21.13 -0.74 -5.37
C GLN A 393 -20.76 -0.12 -4.04
N VAL A 394 -19.98 0.95 -4.10
CA VAL A 394 -19.53 1.61 -2.90
C VAL A 394 -20.53 2.72 -2.59
N SER A 395 -21.03 2.72 -1.37
CA SER A 395 -21.90 3.77 -0.89
C SER A 395 -21.46 4.08 0.56
N SER A 396 -22.18 4.93 1.28
CA SER A 396 -21.84 5.15 2.68
C SER A 396 -23.07 5.16 3.57
N ALA A 397 -22.86 4.92 4.85
CA ALA A 397 -23.93 4.93 5.83
C ALA A 397 -23.34 5.43 7.13
N PHE A 398 -24.19 5.58 8.13
CA PHE A 398 -23.77 6.05 9.42
C PHE A 398 -24.51 5.19 10.42
N THR A 399 -23.75 4.62 11.34
CA THR A 399 -24.32 3.78 12.37
C THR A 399 -23.87 4.37 13.72
N ASN A 400 -22.86 3.73 14.31
CA ASN A 400 -22.14 4.30 15.43
C ASN A 400 -21.26 5.44 14.92
N TYR A 401 -20.82 5.31 13.66
CA TYR A 401 -19.98 6.31 13.02
C TYR A 401 -20.19 6.19 11.52
N PHE A 402 -19.41 6.97 10.76
CA PHE A 402 -19.42 6.96 9.29
C PHE A 402 -18.78 5.69 8.74
N THR A 403 -19.52 4.90 7.98
CA THR A 403 -18.96 3.70 7.33
C THR A 403 -19.16 3.78 5.83
N TRP A 404 -18.27 3.11 5.09
CA TRP A 404 -18.48 2.84 3.67
C TRP A 404 -19.08 1.45 3.54
N THR A 405 -19.88 1.26 2.50
CA THR A 405 -20.58 0.02 2.29
C THR A 405 -20.18 -0.52 0.93
N ILE A 406 -20.09 -1.85 0.81
CA ILE A 406 -19.96 -2.54 -0.47
C ILE A 406 -21.26 -3.33 -0.62
N ASN A 407 -22.06 -2.95 -1.61
CA ASN A 407 -23.41 -3.46 -1.73
C ASN A 407 -24.12 -3.48 -0.39
N SER A 408 -24.12 -2.32 0.29
CA SER A 408 -24.88 -2.13 1.54
C SER A 408 -24.27 -2.69 2.82
N SER A 409 -23.20 -3.47 2.71
CA SER A 409 -22.50 -3.99 3.89
C SER A 409 -21.09 -3.37 4.11
N SER A 410 -20.86 -2.88 5.31
CA SER A 410 -19.57 -2.35 5.68
C SER A 410 -18.78 -3.48 6.32
N LEU A 411 -17.54 -3.66 5.89
CA LEU A 411 -16.70 -4.72 6.39
C LEU A 411 -16.42 -4.52 7.87
N LEU A 412 -16.54 -5.63 8.59
CA LEU A 412 -16.30 -5.66 10.01
C LEU A 412 -15.97 -7.09 10.30
N LEU A 413 -14.71 -7.29 10.71
CA LEU A 413 -14.13 -8.58 10.90
C LEU A 413 -14.03 -8.86 12.38
N ASP A 414 -14.19 -10.13 12.72
CA ASP A 414 -13.91 -10.58 14.04
C ASP A 414 -12.47 -11.09 14.01
N TRP A 415 -11.57 -10.32 14.61
CA TRP A 415 -10.18 -10.75 14.76
C TRP A 415 -9.97 -12.12 15.38
N SER A 416 -10.90 -12.58 16.24
CA SER A 416 -10.73 -13.90 16.86
C SER A 416 -11.18 -15.02 15.94
N SER A 417 -11.86 -14.67 14.86
CA SER A 417 -12.35 -15.66 13.94
C SER A 417 -12.10 -15.15 12.52
N PRO A 418 -10.85 -15.19 12.07
CA PRO A 418 -10.53 -14.74 10.70
C PRO A 418 -11.17 -15.64 9.63
N THR A 419 -11.40 -15.08 8.44
CA THR A 419 -11.93 -15.86 7.33
C THR A 419 -11.20 -17.19 7.17
N THR A 420 -9.88 -17.18 7.34
CA THR A 420 -9.08 -18.40 7.17
C THR A 420 -9.40 -19.47 8.24
N LEU A 421 -9.64 -19.06 9.48
CA LEU A 421 -10.07 -20.02 10.53
C LEU A 421 -11.44 -20.60 10.13
N LYS A 422 -12.34 -19.73 9.71
CA LYS A 422 -13.62 -20.17 9.20
C LYS A 422 -13.47 -21.19 8.08
N ILE A 423 -12.54 -20.93 7.15
CA ILE A 423 -12.20 -21.86 6.05
C ILE A 423 -11.64 -23.16 6.62
N PHE A 424 -10.70 -23.11 7.56
CA PHE A 424 -10.17 -24.38 8.13
C PHE A 424 -11.28 -25.19 8.80
N ASN A 425 -12.27 -24.50 9.37
CA ASN A 425 -13.44 -25.13 9.95
C ASN A 425 -14.52 -25.53 8.93
N ASN A 426 -14.20 -25.42 7.64
CA ASN A 426 -15.09 -25.87 6.54
C ASN A 426 -16.39 -25.10 6.41
N GLU A 427 -16.40 -23.87 6.93
CA GLU A 427 -17.47 -22.93 6.65
C GLU A 427 -17.37 -22.36 5.25
N THR A 428 -18.51 -22.23 4.59
CA THR A 428 -18.60 -21.73 3.22
C THR A 428 -19.61 -20.57 3.14
N ILE A 429 -20.24 -20.28 4.26
CA ILE A 429 -21.16 -19.18 4.34
C ILE A 429 -20.58 -18.35 5.42
N PHE A 430 -20.38 -17.07 5.12
CA PHE A 430 -19.60 -16.22 5.99
C PHE A 430 -20.47 -15.12 6.51
N PRO A 431 -20.14 -14.53 7.66
CA PRO A 431 -20.95 -13.39 8.07
C PRO A 431 -21.04 -12.36 6.95
N THR A 432 -22.24 -11.82 6.79
CA THR A 432 -22.56 -10.75 5.85
C THR A 432 -21.55 -9.61 5.91
N GLU A 433 -21.18 -9.17 7.12
CA GLU A 433 -20.17 -8.12 7.27
C GLU A 433 -18.71 -8.54 6.98
N TYR A 434 -18.50 -9.76 6.51
CA TYR A 434 -17.18 -10.15 6.03
C TYR A 434 -17.10 -9.84 4.53
N ASN A 435 -18.25 -9.47 3.96
CA ASN A 435 -18.36 -9.02 2.58
C ASN A 435 -17.74 -10.00 1.62
N VAL A 436 -17.99 -11.28 1.85
CA VAL A 436 -17.30 -12.32 1.05
C VAL A 436 -17.90 -12.42 -0.33
N VAL A 437 -17.06 -12.42 -1.36
CA VAL A 437 -17.45 -12.83 -2.69
C VAL A 437 -16.76 -14.17 -2.96
N ALA A 438 -17.56 -15.20 -3.22
CA ALA A 438 -17.08 -16.55 -3.52
C ALA A 438 -16.72 -16.62 -4.99
N LEU A 439 -15.60 -17.26 -5.28
CA LEU A 439 -15.14 -17.42 -6.63
C LEU A 439 -14.72 -18.86 -6.79
N GLU A 440 -15.06 -19.45 -7.94
CA GLU A 440 -14.70 -20.84 -8.34
C GLU A 440 -14.66 -20.83 -9.85
N GLN A 441 -13.89 -21.72 -10.48
CA GLN A 441 -13.82 -21.78 -11.96
C GLN A 441 -15.13 -22.22 -12.65
N GLU A 446 -14.21 -20.59 -17.77
CA GLU A 446 -13.95 -19.17 -17.51
C GLU A 446 -13.11 -18.93 -16.23
N GLU A 447 -11.80 -18.81 -16.44
CA GLU A 447 -10.80 -18.80 -15.37
C GLU A 447 -10.53 -17.40 -14.80
N TRP A 448 -11.21 -16.39 -15.35
CA TRP A 448 -11.01 -15.01 -14.94
C TRP A 448 -12.24 -14.43 -14.28
N VAL A 449 -12.02 -13.39 -13.50
CA VAL A 449 -13.12 -12.56 -13.05
C VAL A 449 -12.81 -11.10 -13.39
N VAL A 450 -13.80 -10.40 -13.92
CA VAL A 450 -13.71 -8.96 -13.93
C VAL A 450 -14.49 -8.49 -12.72
N TYR A 451 -13.81 -7.76 -11.84
CA TYR A 451 -14.46 -7.15 -10.70
C TYR A 451 -14.67 -5.66 -11.02
N VAL A 452 -15.93 -5.28 -11.07
CA VAL A 452 -16.25 -3.91 -11.33
C VAL A 452 -16.65 -3.35 -10.00
N ILE A 453 -15.98 -2.26 -9.61
CA ILE A 453 -16.33 -1.60 -8.39
C ILE A 453 -16.73 -0.19 -8.79
N GLU A 454 -17.88 0.23 -8.26
CA GLU A 454 -18.53 1.46 -8.70
C GLU A 454 -18.61 2.40 -7.52
N ASP A 455 -18.25 3.65 -7.75
CA ASP A 455 -18.38 4.63 -6.69
C ASP A 455 -19.79 5.18 -6.75
N LEU A 456 -20.66 4.76 -5.83
CA LEU A 456 -22.00 5.34 -5.80
C LEU A 456 -22.13 6.29 -4.63
N THR A 457 -21.00 6.69 -4.05
CA THR A 457 -21.03 7.50 -2.83
C THR A 457 -21.39 8.95 -3.13
N GLY A 458 -21.19 9.39 -4.36
CA GLY A 458 -21.41 10.78 -4.73
C GLY A 458 -20.32 11.70 -4.25
N PHE A 459 -19.29 11.13 -3.62
CA PHE A 459 -18.23 11.94 -3.02
C PHE A 459 -17.13 12.37 -4.00
N GLY A 460 -16.98 11.66 -5.11
CA GLY A 460 -15.94 12.03 -6.05
C GLY A 460 -14.52 11.90 -5.50
N ILE A 461 -14.32 11.02 -4.51
CA ILE A 461 -12.97 10.69 -4.07
C ILE A 461 -12.43 9.60 -4.97
N TRP A 462 -11.16 9.74 -5.36
CA TRP A 462 -10.44 8.70 -6.09
C TRP A 462 -9.84 7.71 -5.09
N HIS A 463 -10.52 6.57 -4.91
CA HIS A 463 -10.08 5.60 -3.91
C HIS A 463 -9.02 4.66 -4.47
N PRO A 464 -7.84 4.59 -3.81
CA PRO A 464 -6.80 3.68 -4.24
C PRO A 464 -7.21 2.26 -3.80
N ILE A 465 -7.64 1.45 -4.75
CA ILE A 465 -8.18 0.15 -4.48
C ILE A 465 -7.06 -0.88 -4.57
N HIS A 466 -6.89 -1.61 -3.47
CA HIS A 466 -5.84 -2.59 -3.38
C HIS A 466 -6.38 -4.02 -3.30
N LEU A 467 -5.95 -4.87 -4.22
CA LEU A 467 -6.26 -6.31 -4.19
C LEU A 467 -5.13 -7.18 -3.64
N HIS A 468 -5.43 -7.99 -2.64
CA HIS A 468 -4.48 -8.98 -2.10
C HIS A 468 -4.46 -10.24 -2.94
N GLY A 469 -3.32 -10.95 -2.93
CA GLY A 469 -3.16 -12.20 -3.64
C GLY A 469 -2.95 -12.19 -5.15
N HIS A 470 -3.18 -11.03 -5.78
CA HIS A 470 -3.10 -10.93 -7.23
C HIS A 470 -2.59 -9.59 -7.73
N ASP A 471 -1.87 -9.61 -8.85
CA ASP A 471 -1.87 -8.43 -9.68
C ASP A 471 -3.20 -8.48 -10.41
N PHE A 472 -3.85 -7.35 -10.60
CA PHE A 472 -5.01 -7.33 -11.47
C PHE A 472 -4.78 -6.54 -12.75
N PHE A 473 -5.79 -6.60 -13.62
CA PHE A 473 -5.68 -5.97 -14.91
C PHE A 473 -6.67 -4.85 -14.93
N ILE A 474 -6.18 -3.68 -15.25
CA ILE A 474 -7.07 -2.53 -15.32
C ILE A 474 -7.73 -2.56 -16.70
N VAL A 475 -8.83 -3.31 -16.79
CA VAL A 475 -9.56 -3.43 -18.06
C VAL A 475 -10.43 -2.20 -18.29
N ALA A 476 -10.71 -1.46 -17.22
CA ALA A 476 -11.37 -0.15 -17.29
C ALA A 476 -11.16 0.63 -16.00
N GLN A 477 -10.82 1.91 -16.17
CA GLN A 477 -10.74 2.89 -15.09
C GLN A 477 -11.45 4.13 -15.63
N GLU A 478 -12.74 4.25 -15.34
CA GLU A 478 -13.58 5.24 -16.00
C GLU A 478 -14.20 6.24 -15.05
N THR A 479 -14.18 7.50 -15.48
CA THR A 479 -14.95 8.55 -14.85
C THR A 479 -16.29 8.60 -15.56
N ASP A 480 -17.14 7.64 -15.24
CA ASP A 480 -18.52 7.63 -15.74
C ASP A 480 -19.32 6.60 -14.95
N VAL A 481 -20.63 6.58 -15.17
CA VAL A 481 -21.47 5.57 -14.55
C VAL A 481 -21.23 4.26 -15.33
N PHE A 482 -21.10 3.18 -14.57
CA PHE A 482 -21.00 1.85 -15.14
C PHE A 482 -22.35 1.38 -15.66
N ASN A 483 -22.39 0.88 -16.89
CA ASN A 483 -23.59 0.25 -17.46
C ASN A 483 -23.27 -1.21 -17.82
N SER A 484 -23.91 -2.15 -17.13
CA SER A 484 -23.60 -3.56 -17.30
C SER A 484 -23.78 -4.08 -18.72
N ASP A 485 -24.66 -3.43 -19.48
CA ASP A 485 -24.89 -3.79 -20.89
C ASP A 485 -23.98 -3.08 -21.88
N GLU A 486 -23.47 -1.90 -21.53
CA GLU A 486 -22.64 -1.15 -22.48
C GLU A 486 -21.16 -1.16 -22.10
N SER A 487 -20.86 -1.07 -20.80
CA SER A 487 -19.47 -0.84 -20.36
C SER A 487 -18.52 -2.00 -20.61
N PRO A 488 -18.94 -3.26 -20.34
CA PRO A 488 -18.01 -4.38 -20.59
C PRO A 488 -17.41 -4.37 -21.99
N ALA A 489 -18.20 -3.97 -22.98
CA ALA A 489 -17.73 -3.83 -24.36
C ALA A 489 -16.50 -2.92 -24.51
N LYS A 490 -16.43 -1.86 -23.70
CA LYS A 490 -15.34 -0.88 -23.79
C LYS A 490 -14.09 -1.25 -22.94
N PHE A 491 -14.09 -2.46 -22.38
CA PHE A 491 -12.98 -2.95 -21.57
C PHE A 491 -11.77 -3.14 -22.46
N ASN A 492 -10.58 -2.94 -21.91
CA ASN A 492 -9.38 -3.32 -22.61
C ASN A 492 -8.85 -4.66 -22.05
N LEU A 493 -8.84 -5.71 -22.90
CA LEU A 493 -8.48 -7.06 -22.43
C LEU A 493 -7.09 -7.46 -22.90
N VAL A 494 -6.54 -6.66 -23.79
CA VAL A 494 -5.27 -6.94 -24.44
C VAL A 494 -4.19 -6.12 -23.75
N ASN A 495 -3.30 -6.81 -23.05
CA ASN A 495 -2.26 -6.21 -22.24
C ASN A 495 -2.58 -4.86 -21.56
N PRO A 496 -3.69 -4.80 -20.82
CA PRO A 496 -4.06 -3.58 -20.08
C PRO A 496 -3.05 -3.33 -18.95
N PRO A 497 -3.08 -2.16 -18.32
CA PRO A 497 -2.18 -1.99 -17.16
C PRO A 497 -2.37 -3.12 -16.13
N ARG A 498 -1.30 -3.51 -15.47
CA ARG A 498 -1.35 -4.62 -14.55
C ARG A 498 -0.56 -4.21 -13.30
N ARG A 499 -1.19 -4.34 -12.13
CA ARG A 499 -0.57 -3.82 -10.91
C ARG A 499 -1.41 -4.27 -9.72
N ASP A 500 -1.26 -3.68 -8.54
CA ASP A 500 -2.06 -4.16 -7.41
C ASP A 500 -2.79 -3.07 -6.60
N VAL A 501 -2.50 -1.81 -6.92
CA VAL A 501 -3.29 -0.66 -6.47
C VAL A 501 -3.68 0.17 -7.66
N ALA A 502 -4.96 0.47 -7.77
CA ALA A 502 -5.49 1.33 -8.83
C ALA A 502 -6.66 2.10 -8.30
N ALA A 503 -6.78 3.33 -8.82
CA ALA A 503 -7.80 4.25 -8.37
C ALA A 503 -9.16 3.84 -8.86
N LEU A 504 -10.12 3.75 -7.95
CA LEU A 504 -11.53 3.78 -8.31
C LEU A 504 -11.83 5.27 -8.51
N PRO A 505 -12.11 5.70 -9.76
CA PRO A 505 -12.26 7.13 -9.93
C PRO A 505 -13.49 7.61 -9.16
N GLY A 506 -13.40 8.80 -8.58
CA GLY A 506 -14.54 9.35 -7.87
C GLY A 506 -15.71 9.49 -8.82
N ASN A 507 -16.86 8.96 -8.38
CA ASN A 507 -18.12 8.94 -9.15
C ASN A 507 -18.08 8.01 -10.38
N GLY A 508 -16.97 7.31 -10.56
CA GLY A 508 -16.84 6.41 -11.67
C GLY A 508 -16.80 4.95 -11.26
N TYR A 509 -16.11 4.17 -12.07
CA TYR A 509 -15.91 2.77 -11.77
C TYR A 509 -14.51 2.29 -12.11
N LEU A 510 -14.08 1.22 -11.45
CA LEU A 510 -12.82 0.56 -11.73
C LEU A 510 -13.24 -0.85 -12.00
N ALA A 511 -12.78 -1.35 -13.14
CA ALA A 511 -12.95 -2.73 -13.56
C ALA A 511 -11.61 -3.42 -13.62
N ILE A 512 -11.41 -4.35 -12.68
CA ILE A 512 -10.14 -5.03 -12.60
C ILE A 512 -10.35 -6.53 -12.76
N ALA A 513 -9.56 -7.12 -13.63
CA ALA A 513 -9.62 -8.55 -13.88
C ALA A 513 -8.46 -9.28 -13.20
N PHE A 514 -8.74 -10.45 -12.65
CA PHE A 514 -7.66 -11.35 -12.24
C PHE A 514 -8.00 -12.78 -12.55
N LYS A 515 -6.96 -13.61 -12.60
CA LYS A 515 -7.12 -15.03 -12.83
C LYS A 515 -7.36 -15.76 -11.51
N LEU A 516 -8.15 -16.82 -11.57
CA LEU A 516 -8.36 -17.70 -10.42
C LEU A 516 -7.19 -18.68 -10.36
N ASP A 517 -6.07 -18.19 -9.81
CA ASP A 517 -4.79 -18.87 -9.86
C ASP A 517 -4.22 -18.91 -8.47
N ASN A 518 -5.00 -18.47 -7.49
CA ASN A 518 -4.48 -18.36 -6.15
C ASN A 518 -5.59 -18.55 -5.11
N PRO A 519 -5.91 -19.83 -4.81
CA PRO A 519 -6.90 -20.19 -3.78
C PRO A 519 -6.63 -19.49 -2.45
N GLY A 520 -7.63 -18.86 -1.88
CA GLY A 520 -7.39 -18.30 -0.56
C GLY A 520 -8.43 -17.24 -0.33
N SER A 521 -8.28 -16.48 0.75
CA SER A 521 -9.25 -15.45 1.07
C SER A 521 -8.55 -14.13 0.96
N TRP A 522 -8.96 -13.33 0.00
CA TRP A 522 -8.17 -12.18 -0.40
C TRP A 522 -8.89 -10.87 -0.24
N LEU A 523 -8.39 -10.04 0.68
CA LEU A 523 -8.99 -8.75 0.96
C LEU A 523 -8.79 -7.85 -0.25
N LEU A 524 -9.80 -7.03 -0.53
CA LEU A 524 -9.69 -5.95 -1.48
C LEU A 524 -10.26 -4.78 -0.70
N HIS A 525 -9.58 -3.63 -0.76
CA HIS A 525 -9.97 -2.53 0.07
C HIS A 525 -9.45 -1.21 -0.45
N CYS A 526 -10.08 -0.13 0.00
CA CYS A 526 -9.50 1.16 -0.22
C CYS A 526 -8.27 1.22 0.68
N HIS A 527 -7.16 1.72 0.13
CA HIS A 527 -5.92 1.86 0.88
C HIS A 527 -5.80 3.16 1.67
N ILE A 528 -6.82 4.03 1.58
CA ILE A 528 -6.87 5.21 2.44
C ILE A 528 -7.17 4.69 3.85
N ALA A 529 -6.29 4.99 4.81
CA ALA A 529 -6.37 4.26 6.06
C ALA A 529 -7.72 4.45 6.73
N TRP A 530 -8.24 5.67 6.72
CA TRP A 530 -9.54 5.93 7.31
C TRP A 530 -10.63 5.10 6.63
N HIS A 531 -10.51 4.92 5.31
CA HIS A 531 -11.58 4.25 4.60
C HIS A 531 -11.63 2.78 4.89
N ALA A 532 -10.45 2.19 5.00
CA ALA A 532 -10.26 0.79 5.31
C ALA A 532 -10.87 0.53 6.69
N SER A 533 -10.45 1.33 7.68
CA SER A 533 -10.99 1.28 9.03
C SER A 533 -12.48 1.52 9.04
N GLU A 534 -12.97 2.30 8.07
CA GLU A 534 -14.41 2.53 7.92
C GLU A 534 -15.11 1.46 7.07
N GLY A 535 -14.49 0.28 6.93
CA GLY A 535 -15.13 -0.84 6.24
C GLY A 535 -15.28 -0.82 4.73
N LEU A 536 -14.51 0.04 4.04
CA LEU A 536 -14.46 0.08 2.57
C LEU A 536 -13.62 -1.06 2.03
N ALA A 537 -14.23 -2.23 2.04
CA ALA A 537 -13.51 -3.44 1.84
C ALA A 537 -14.48 -4.53 1.51
N MET A 538 -13.98 -5.53 0.77
CA MET A 538 -14.58 -6.83 0.77
C MET A 538 -13.45 -7.88 0.63
N GLN A 539 -13.81 -9.14 0.40
CA GLN A 539 -12.81 -10.16 0.23
C GLN A 539 -13.34 -11.23 -0.68
N PHE A 540 -12.47 -11.71 -1.54
CA PHE A 540 -12.76 -12.81 -2.43
C PHE A 540 -12.37 -14.09 -1.75
N VAL A 541 -13.31 -15.02 -1.62
CA VAL A 541 -12.92 -16.35 -1.21
C VAL A 541 -12.86 -17.17 -2.49
N GLU A 542 -11.63 -17.42 -2.93
CA GLU A 542 -11.32 -18.01 -4.22
C GLU A 542 -11.01 -19.50 -4.05
N SER A 543 -11.77 -20.36 -4.73
CA SER A 543 -11.57 -21.81 -4.74
C SER A 543 -11.23 -22.34 -3.36
N GLN A 544 -12.10 -22.06 -2.41
CA GLN A 544 -11.93 -22.43 -1.02
C GLN A 544 -11.47 -23.88 -0.75
N SER A 545 -11.99 -24.82 -1.53
CA SER A 545 -11.67 -26.24 -1.31
C SER A 545 -10.26 -26.59 -1.80
N SER A 546 -9.74 -25.78 -2.73
CA SER A 546 -8.35 -25.90 -3.19
C SER A 546 -7.29 -25.27 -2.28
N ILE A 547 -7.66 -24.61 -1.20
CA ILE A 547 -6.63 -24.01 -0.32
C ILE A 547 -5.80 -25.09 0.36
N ALA A 548 -4.49 -25.06 0.12
CA ALA A 548 -3.55 -26.02 0.67
C ALA A 548 -2.78 -25.37 1.79
N VAL A 549 -2.94 -25.88 3.02
CA VAL A 549 -2.12 -25.37 4.11
C VAL A 549 -1.35 -26.51 4.81
N LYS A 550 -0.08 -26.23 5.11
CA LYS A 550 0.79 -27.16 5.81
C LYS A 550 0.33 -27.28 7.27
N MET A 551 0.47 -28.48 7.84
CA MET A 551 0.16 -28.74 9.25
C MET A 551 1.03 -27.83 10.13
N THR A 552 2.30 -27.69 9.78
CA THR A 552 3.16 -26.71 10.45
C THR A 552 2.50 -25.30 10.48
N ASP A 553 1.94 -24.85 9.37
CA ASP A 553 1.34 -23.51 9.31
C ASP A 553 0.00 -23.41 10.03
N THR A 554 -0.80 -24.47 9.96
CA THR A 554 -2.05 -24.60 10.72
C THR A 554 -1.80 -24.57 12.23
N ALA A 555 -0.73 -25.22 12.67
CA ALA A 555 -0.38 -25.26 14.08
C ALA A 555 -0.01 -23.86 14.50
N ILE A 556 0.77 -23.17 13.65
CA ILE A 556 1.27 -21.83 13.97
C ILE A 556 0.11 -20.86 14.03
N PHE A 557 -0.79 -20.97 13.06
CA PHE A 557 -2.00 -20.18 13.01
C PHE A 557 -2.82 -20.34 14.29
N GLU A 558 -3.01 -21.58 14.71
CA GLU A 558 -3.80 -21.88 15.91
C GLU A 558 -3.18 -21.25 17.15
N ASP A 559 -1.85 -21.31 17.23
CA ASP A 559 -1.14 -20.74 18.37
C ASP A 559 -1.35 -19.24 18.44
N THR A 560 -1.22 -18.56 17.29
CA THR A 560 -1.43 -17.10 17.22
C THR A 560 -2.81 -16.79 17.77
N CYS A 561 -3.83 -17.48 17.25
CA CYS A 561 -5.22 -17.31 17.70
C CYS A 561 -5.40 -17.64 19.18
N ALA A 562 -4.72 -18.69 19.64
CA ALA A 562 -4.78 -19.06 21.05
C ALA A 562 -4.25 -17.90 21.89
N ASN A 563 -3.09 -17.37 21.50
CA ASN A 563 -2.47 -16.30 22.28
C ASN A 563 -3.28 -15.03 22.23
N TRP A 564 -3.94 -14.83 21.10
CA TRP A 564 -4.82 -13.68 20.97
C TRP A 564 -6.09 -13.85 21.84
N ASN A 565 -6.68 -15.03 21.82
CA ASN A 565 -7.77 -15.34 22.70
C ASN A 565 -7.40 -15.25 24.19
N ALA A 566 -6.16 -15.60 24.52
CA ALA A 566 -5.60 -15.39 25.84
C ALA A 566 -5.43 -13.91 26.17
N TYR A 567 -5.30 -13.07 25.14
CA TYR A 567 -5.08 -11.63 25.38
C TYR A 567 -6.36 -10.81 25.47
N THR A 568 -7.34 -11.11 24.60
CA THR A 568 -8.57 -10.29 24.51
C THR A 568 -9.42 -10.10 25.78
N PRO A 569 -9.38 -11.05 26.75
CA PRO A 569 -10.28 -10.78 27.87
C PRO A 569 -9.79 -9.64 28.75
N THR A 570 -8.49 -9.39 28.83
CA THR A 570 -8.02 -8.24 29.59
C THR A 570 -7.39 -7.13 28.74
N GLN A 571 -7.73 -7.07 27.44
CA GLN A 571 -7.25 -5.98 26.56
C GLN A 571 -7.69 -4.63 27.11
N LEU A 572 -6.82 -3.62 27.02
CA LEU A 572 -7.20 -2.27 27.41
C LEU A 572 -8.13 -1.62 26.38
N PHE A 573 -8.02 -2.04 25.12
CA PHE A 573 -8.77 -1.43 24.02
C PHE A 573 -9.43 -2.47 23.14
N ALA A 574 -10.72 -2.26 22.91
CA ALA A 574 -11.49 -3.15 22.03
C ALA A 574 -11.26 -2.75 20.58
N GLU A 575 -11.60 -3.65 19.66
CA GLU A 575 -11.72 -3.31 18.26
C GLU A 575 -12.78 -2.21 18.13
N ASP A 576 -12.41 -1.09 17.50
CA ASP A 576 -13.36 -0.01 17.19
C ASP A 576 -13.24 0.47 15.74
N ASP A 577 -12.93 -0.47 14.85
CA ASP A 577 -13.07 -0.23 13.40
C ASP A 577 -13.33 -1.54 12.66
N SER A 578 -13.10 -1.54 11.36
CA SER A 578 -13.29 -2.75 10.56
C SER A 578 -12.37 -3.91 10.96
N GLY A 579 -11.30 -3.62 11.68
CA GLY A 579 -10.32 -4.64 11.99
C GLY A 579 -9.11 -4.62 11.06
N ILE A 580 -9.30 -4.11 9.84
CA ILE A 580 -8.20 -4.03 8.89
C ILE A 580 -7.65 -2.63 8.75
C1 NAG B . -4.14 0.43 19.92
C2 NAG B . -5.57 0.54 20.41
C3 NAG B . -6.03 1.99 20.46
C4 NAG B . -5.13 2.83 21.37
C5 NAG B . -3.65 2.52 21.06
C6 NAG B . -2.70 3.04 22.12
C7 NAG B . -6.67 -1.52 19.81
C8 NAG B . -7.66 -2.17 18.89
N2 NAG B . -6.48 -0.23 19.59
O3 NAG B . -7.37 2.10 20.86
O4 NAG B . -5.38 4.20 21.09
O5 NAG B . -3.36 1.14 20.86
O6 NAG B . -1.63 3.56 21.36
O7 NAG B . -6.07 -2.13 20.71
C1 NAG B . -6.37 4.81 21.92
C2 NAG B . -6.06 6.29 22.15
C3 NAG B . -7.13 6.94 22.99
C4 NAG B . -8.52 6.64 22.41
C5 NAG B . -8.69 5.12 22.24
C6 NAG B . -10.03 4.72 21.67
C7 NAG B . -3.73 6.95 22.31
C8 NAG B . -2.54 7.12 23.22
N2 NAG B . -4.83 6.49 22.88
O3 NAG B . -6.87 8.32 22.99
O4 NAG B . -9.52 7.21 23.22
O5 NAG B . -7.67 4.68 21.35
O6 NAG B . -10.14 5.33 20.42
O7 NAG B . -3.67 7.22 21.12
C1 BMA B . -10.04 8.38 22.56
C2 BMA B . -11.43 8.64 23.16
C3 BMA B . -12.03 9.97 22.65
C4 BMA B . -11.04 11.13 22.64
C5 BMA B . -9.69 10.70 22.01
C6 BMA B . -8.64 11.84 21.87
O2 BMA B . -11.33 8.62 24.59
O3 BMA B . -13.24 10.30 23.33
O4 BMA B . -11.64 12.17 21.86
O5 BMA B . -9.17 9.51 22.65
O6 BMA B . -8.11 12.38 23.09
C1 NAG C . 15.20 6.35 2.29
C2 NAG C . 16.48 6.25 1.47
C3 NAG C . 17.00 4.82 1.46
C4 NAG C . 17.15 4.25 2.88
C5 NAG C . 15.92 4.61 3.72
C6 NAG C . 16.14 4.37 5.21
C7 NAG C . 17.02 7.62 -0.45
C8 NAG C . 16.69 7.95 -1.88
N2 NAG C . 16.27 6.67 0.10
O3 NAG C . 18.21 4.80 0.73
O4 NAG C . 17.25 2.84 2.88
O5 NAG C . 15.52 5.96 3.59
O6 NAG C . 14.84 4.27 5.76
O7 NAG C . 17.93 8.21 0.13
C1 NAG C . 18.47 2.40 2.30
C2 NAG C . 19.28 1.53 3.27
C3 NAG C . 20.54 1.02 2.57
C4 NAG C . 20.29 0.50 1.14
C5 NAG C . 19.41 1.49 0.35
C6 NAG C . 19.15 1.10 -1.11
C7 NAG C . 18.83 2.13 5.63
C8 NAG C . 19.25 2.94 6.84
N2 NAG C . 19.57 2.25 4.52
O3 NAG C . 21.11 -0.01 3.34
O4 NAG C . 21.53 0.26 0.47
O5 NAG C . 18.22 1.70 1.10
O6 NAG C . 18.06 0.20 -1.23
O7 NAG C . 17.84 1.41 5.70
C1 BMA C . 21.73 -1.15 0.21
C2 BMA C . 22.76 -1.44 -0.91
C3 BMA C . 22.90 -2.94 -1.12
C4 BMA C . 23.21 -3.63 0.23
C5 BMA C . 22.05 -3.28 1.18
C6 BMA C . 22.02 -4.07 2.50
O2 BMA C . 24.06 -0.89 -0.62
O3 BMA C . 23.86 -3.28 -2.12
O4 BMA C . 23.31 -5.04 0.03
O5 BMA C . 22.01 -1.87 1.42
O6 BMA C . 22.40 -3.36 3.69
C1 MAN C . 23.30 -4.27 4.34
C2 MAN C . 24.51 -3.74 5.10
C3 MAN C . 25.58 -4.76 4.70
C4 MAN C . 25.10 -6.22 4.80
C5 MAN C . 23.59 -6.43 4.44
C6 MAN C . 23.04 -7.86 4.56
O2 MAN C . 24.32 -3.81 6.50
O3 MAN C . 26.79 -4.54 5.41
O4 MAN C . 25.90 -6.97 3.90
O5 MAN C . 22.77 -5.41 5.00
O6 MAN C . 22.57 -8.23 5.85
C1 MAN C . 23.47 -9.26 6.35
C2 MAN C . 23.51 -9.56 7.84
C3 MAN C . 25.01 -9.62 8.08
C4 MAN C . 25.68 -10.62 7.11
C5 MAN C . 25.16 -10.54 5.65
C6 MAN C . 25.60 -11.69 4.75
O2 MAN C . 23.06 -10.82 8.39
O3 MAN C . 25.30 -9.93 9.43
O4 MAN C . 27.06 -10.37 7.15
O5 MAN C . 23.75 -10.41 5.56
O6 MAN C . 25.58 -11.16 3.45
C1 MAN C . 21.90 -11.54 7.87
C2 MAN C . 21.41 -12.63 8.84
C3 MAN C . 20.85 -13.73 7.94
C4 MAN C . 19.85 -13.16 6.89
C5 MAN C . 20.22 -11.76 6.33
C6 MAN C . 19.08 -11.04 5.62
O2 MAN C . 20.41 -12.15 9.73
O3 MAN C . 20.30 -14.74 8.75
O4 MAN C . 19.68 -14.09 5.82
O5 MAN C . 20.77 -10.89 7.33
O6 MAN C . 19.49 -9.75 5.20
CU CU D . -11.36 5.33 -0.09
CU CU E . -4.54 -4.60 2.26
CU CU F . -0.58 -2.04 1.54
CU CU G . -1.67 -5.78 0.03
CU CU H . 0.27 0.50 29.86
C1 NAG I . 14.91 -5.69 15.28
C2 NAG I . 16.18 -6.40 14.86
C3 NAG I . 16.23 -7.77 15.50
C4 NAG I . 15.99 -7.69 17.02
C5 NAG I . 14.68 -7.01 17.30
C6 NAG I . 14.46 -6.91 18.81
C7 NAG I . 16.78 -5.65 12.62
C8 NAG I . 16.66 -5.93 11.15
N2 NAG I . 16.18 -6.53 13.41
O3 NAG I . 17.48 -8.34 15.22
O4 NAG I . 15.92 -8.97 17.57
O5 NAG I . 14.70 -5.73 16.69
O6 NAG I . 15.45 -6.07 19.37
O7 NAG I . 17.38 -4.66 13.04
C1 NAG J . 2.50 3.24 23.61
C2 NAG J . 1.23 2.51 23.99
C3 NAG J . 0.20 3.44 24.68
C4 NAG J . 0.85 4.31 25.76
C5 NAG J . 2.01 5.06 25.09
C6 NAG J . 2.70 6.03 26.03
C7 NAG J . 0.49 0.60 22.60
C8 NAG J . -0.14 0.18 21.30
N2 NAG J . 0.65 1.92 22.79
O3 NAG J . -0.86 2.68 25.25
O4 NAG J . -0.08 5.18 26.40
O5 NAG J . 2.96 4.07 24.67
O6 NAG J . 3.30 5.30 27.09
O7 NAG J . 0.83 -0.24 23.42
C1 NAG K . -24.24 -5.64 -5.96
C2 NAG K . -24.37 -7.01 -6.61
C3 NAG K . -24.63 -6.85 -8.11
C4 NAG K . -25.85 -5.98 -8.39
C5 NAG K . -25.68 -4.65 -7.67
C6 NAG K . -26.95 -3.80 -7.81
C7 NAG K . -23.09 -8.90 -5.64
C8 NAG K . -21.77 -9.60 -5.67
N2 NAG K . -23.18 -7.85 -6.44
O3 NAG K . -24.74 -8.11 -8.71
O4 NAG K . -25.94 -5.74 -9.78
O5 NAG K . -25.38 -4.85 -6.30
O6 NAG K . -27.97 -4.37 -7.02
O7 NAG K . -24.00 -9.30 -4.88
C1 NAG L . -12.70 -30.08 7.17
C2 NAG L . -12.65 -30.83 8.51
C3 NAG L . -11.52 -31.85 8.54
C4 NAG L . -11.70 -32.80 7.34
C5 NAG L . -11.77 -32.00 6.04
C6 NAG L . -12.03 -32.86 4.81
C7 NAG L . -13.78 -29.80 10.43
C8 NAG L . -15.01 -30.60 10.10
N2 NAG L . -12.69 -29.93 9.66
O3 NAG L . -11.54 -32.61 9.73
O4 NAG L . -10.66 -33.76 7.32
O5 NAG L . -12.80 -31.02 6.10
O6 NAG L . -13.33 -33.40 4.86
O7 NAG L . -13.83 -29.04 11.41
C1 NAG M . 7.25 25.68 4.06
C2 NAG M . 6.76 27.00 3.43
C3 NAG M . 7.67 28.16 3.79
C4 NAG M . 7.81 28.27 5.31
C5 NAG M . 8.19 26.92 5.93
C6 NAG M . 8.05 26.94 7.45
C7 NAG M . 5.28 27.27 1.49
C8 NAG M . 4.12 27.61 2.42
N2 NAG M . 6.49 26.98 2.00
O3 NAG M . 7.09 29.32 3.25
O4 NAG M . 8.77 29.26 5.65
O5 NAG M . 7.38 25.86 5.47
O6 NAG M . 6.77 27.46 7.79
O7 NAG M . 5.07 27.27 0.28
C1 MAN N . 1.95 7.90 -20.88
C2 MAN N . 1.90 9.43 -20.83
C3 MAN N . 0.53 9.93 -21.30
C4 MAN N . 0.24 9.40 -22.70
C5 MAN N . 0.34 7.88 -22.68
C6 MAN N . 0.09 7.26 -24.06
O2 MAN N . 2.94 9.87 -21.68
O3 MAN N . 0.40 11.35 -21.23
O4 MAN N . -1.05 9.77 -23.12
O5 MAN N . 1.65 7.53 -22.20
O6 MAN N . 1.13 7.56 -24.98
S SO4 O . 7.79 27.23 -5.59
O1 SO4 O . 8.30 27.21 -4.19
O2 SO4 O . 8.92 27.02 -6.52
O3 SO4 O . 7.14 28.52 -5.87
O4 SO4 O . 6.75 26.18 -5.78
#